data_5VAP
#
_entry.id   5VAP
#
_cell.length_a   48.461
_cell.length_b   55.078
_cell.length_c   114.621
_cell.angle_alpha   90.000
_cell.angle_beta   90.000
_cell.angle_gamma   90.000
#
_symmetry.space_group_name_H-M   'P 21 21 21'
#
loop_
_entity.id
_entity.type
_entity.pdbx_description
1 polymer 'Minor nucleoprotein VP30'
2 polymer NP
3 water water
#
loop_
_entity_poly.entity_id
_entity_poly.type
_entity_poly.pdbx_seq_one_letter_code
_entity_poly.pdbx_strand_id
1 'polypeptide(L)'
;ITLLTLIKTAEHWARQDIRTIEDSKLRALLTLCAVMTRKFSKSQLSLLCETHLRREGLGQDQAEPVLEVYQRLHSDKGGS
FEAALWQQWDRQSLIMFITAFLNIALQLPCES
;
A,B
2 'polypeptide(L)' TPTVAPPAPVYR D,C
#
# COMPACT_ATOMS: atom_id res chain seq x y z
N ILE A 1 -10.93 -20.27 12.26
CA ILE A 1 -10.85 -18.84 12.71
C ILE A 1 -10.15 -18.74 14.09
N THR A 2 -8.94 -19.27 14.13
CA THR A 2 -8.10 -19.27 15.32
C THR A 2 -7.21 -18.04 15.34
N LEU A 3 -6.61 -17.77 16.49
CA LEU A 3 -5.70 -16.65 16.61
C LEU A 3 -4.57 -16.77 15.60
N LEU A 4 -4.04 -17.97 15.46
CA LEU A 4 -2.93 -18.21 14.55
C LEU A 4 -3.33 -17.95 13.09
N THR A 5 -4.50 -18.45 12.69
CA THR A 5 -4.96 -18.24 11.30
C THR A 5 -5.23 -16.77 11.03
N LEU A 6 -5.82 -16.09 12.00
CA LEU A 6 -6.09 -14.66 11.88
C LEU A 6 -4.82 -13.85 11.63
N ILE A 7 -3.79 -14.11 12.42
CA ILE A 7 -2.53 -13.38 12.29
C ILE A 7 -1.83 -13.70 10.98
N LYS A 8 -1.78 -14.98 10.60
CA LYS A 8 -1.15 -15.37 9.33
C LYS A 8 -1.88 -14.76 8.13
N THR A 9 -3.21 -14.77 8.19
CA THR A 9 -4.02 -14.18 7.12
C THR A 9 -3.79 -12.67 7.03
N ALA A 10 -3.79 -11.99 8.16
CA ALA A 10 -3.52 -10.53 8.19
C ALA A 10 -2.12 -10.22 7.65
N GLU A 11 -1.11 -10.99 8.07
CA GLU A 11 0.25 -10.80 7.51
C GLU A 11 0.30 -10.95 6.00
N HIS A 12 -0.39 -11.97 5.49
CA HIS A 12 -0.40 -12.22 4.05
C HIS A 12 -1.03 -11.05 3.30
N TRP A 13 -2.20 -10.62 3.73
CA TRP A 13 -2.94 -9.60 3.00
C TRP A 13 -2.48 -8.17 3.25
N ALA A 14 -1.80 -7.91 4.38
CA ALA A 14 -1.16 -6.61 4.63
C ALA A 14 -0.18 -6.21 3.50
N ARG A 15 0.48 -7.21 2.94
CA ARG A 15 1.49 -7.04 1.92
C ARG A 15 1.02 -7.23 0.47
N GLN A 16 -0.26 -7.37 0.25
CA GLN A 16 -0.84 -7.48 -1.10
C GLN A 16 -1.34 -6.17 -1.65
N ASP A 17 -1.24 -6.05 -2.98
CA ASP A 17 -1.94 -5.02 -3.73
C ASP A 17 -3.39 -5.50 -3.89
N ILE A 18 -4.34 -4.80 -3.28
CA ILE A 18 -5.75 -5.23 -3.28
C ILE A 18 -6.62 -4.31 -4.11
N ARG A 19 -5.98 -3.40 -4.84
CA ARG A 19 -6.67 -2.40 -5.66
C ARG A 19 -7.61 -3.06 -6.67
N THR A 20 -7.21 -4.21 -7.23
CA THR A 20 -8.05 -4.92 -8.21
C THR A 20 -8.66 -6.23 -7.74
N ILE A 21 -8.68 -6.53 -6.44
CA ILE A 21 -9.23 -7.83 -6.03
C ILE A 21 -10.76 -7.89 -6.16
N GLU A 22 -11.21 -9.13 -6.22
CA GLU A 22 -12.61 -9.51 -6.34
C GLU A 22 -13.39 -9.09 -5.07
N ASP A 23 -14.63 -8.61 -5.29
CA ASP A 23 -15.53 -8.20 -4.17
C ASP A 23 -15.68 -9.23 -3.05
N SER A 24 -15.86 -10.50 -3.40
CA SER A 24 -16.00 -11.56 -2.40
C SER A 24 -14.79 -11.60 -1.45
N LYS A 25 -13.59 -11.42 -2.00
CA LYS A 25 -12.39 -11.41 -1.19
C LYS A 25 -12.29 -10.12 -0.38
N LEU A 26 -12.64 -8.97 -1.02
CA LEU A 26 -12.64 -7.71 -0.30
C LEU A 26 -13.61 -7.73 0.90
N ARG A 27 -14.77 -8.34 0.70
CA ARG A 27 -15.78 -8.50 1.76
C ARG A 27 -15.25 -9.34 2.91
N ALA A 28 -14.51 -10.39 2.59
CA ALA A 28 -13.93 -11.27 3.60
C ALA A 28 -12.82 -10.54 4.34
N LEU A 29 -12.06 -9.68 3.64
CA LEU A 29 -11.04 -8.86 4.31
C LEU A 29 -11.68 -7.87 5.28
N LEU A 30 -12.85 -7.34 4.94
CA LEU A 30 -13.55 -6.47 5.88
C LEU A 30 -13.89 -7.24 7.16
N THR A 31 -14.41 -8.45 7.02
CA THR A 31 -14.69 -9.33 8.17
C THR A 31 -13.42 -9.57 8.99
N LEU A 32 -12.31 -9.86 8.31
CA LEU A 32 -11.02 -10.04 8.96
C LEU A 32 -10.65 -8.82 9.81
N CYS A 33 -10.80 -7.62 9.24
CA CYS A 33 -10.53 -6.40 9.99
C CYS A 33 -11.46 -6.28 11.21
N ALA A 34 -12.73 -6.62 11.05
CA ALA A 34 -13.68 -6.51 12.16
C ALA A 34 -13.27 -7.45 13.32
N VAL A 35 -12.96 -8.69 12.98
CA VAL A 35 -12.53 -9.68 13.97
C VAL A 35 -11.24 -9.21 14.66
N MET A 36 -10.29 -8.70 13.89
N MET A 36 -10.29 -8.70 13.89
CA MET A 36 -9.03 -8.25 14.44
CA MET A 36 -9.02 -8.26 14.43
C MET A 36 -9.17 -7.00 15.32
C MET A 36 -9.16 -7.01 15.32
N THR A 37 -10.08 -6.11 14.97
N THR A 37 -10.08 -6.11 14.97
CA THR A 37 -10.35 -4.95 15.83
CA THR A 37 -10.35 -4.95 15.83
C THR A 37 -10.81 -5.38 17.22
C THR A 37 -10.81 -5.38 17.23
N ARG A 38 -11.56 -6.48 17.29
CA ARG A 38 -12.05 -7.03 18.56
C ARG A 38 -10.96 -7.75 19.38
N LYS A 39 -9.76 -7.90 18.81
CA LYS A 39 -8.58 -8.32 19.57
C LYS A 39 -7.86 -7.16 20.27
N PHE A 40 -8.37 -5.94 20.14
CA PHE A 40 -7.85 -4.77 20.84
C PHE A 40 -8.81 -4.44 21.98
N SER A 41 -8.29 -4.06 23.14
CA SER A 41 -9.14 -3.55 24.20
C SER A 41 -9.68 -2.18 23.80
N LYS A 42 -10.84 -1.80 24.33
CA LYS A 42 -11.40 -0.44 24.12
C LYS A 42 -10.39 0.66 24.37
N SER A 43 -9.54 0.46 25.38
CA SER A 43 -8.53 1.44 25.75
C SER A 43 -7.52 1.77 24.65
N GLN A 44 -7.36 0.85 23.69
CA GLN A 44 -6.39 1.00 22.61
C GLN A 44 -6.97 1.56 21.33
N LEU A 45 -8.28 1.79 21.29
CA LEU A 45 -8.92 2.22 20.03
C LEU A 45 -8.48 3.62 19.64
N SER A 46 -8.28 4.52 20.61
CA SER A 46 -7.80 5.86 20.32
C SER A 46 -6.39 5.81 19.68
N LEU A 47 -5.54 4.92 20.19
CA LEU A 47 -4.19 4.72 19.63
C LEU A 47 -4.27 4.12 18.23
N LEU A 48 -5.16 3.16 18.03
CA LEU A 48 -5.35 2.56 16.73
C LEU A 48 -5.77 3.65 15.72
N CYS A 49 -6.73 4.48 16.08
CA CYS A 49 -7.16 5.61 15.25
C CYS A 49 -6.00 6.58 14.94
N GLU A 50 -5.28 6.99 15.98
CA GLU A 50 -4.16 7.92 15.79
C GLU A 50 -3.10 7.34 14.84
N THR A 51 -2.78 6.05 15.01
CA THR A 51 -1.78 5.38 14.18
C THR A 51 -2.26 5.28 12.73
N HIS A 52 -3.55 4.99 12.55
CA HIS A 52 -4.17 4.99 11.24
C HIS A 52 -4.06 6.38 10.58
N LEU A 53 -4.42 7.45 11.30
CA LEU A 53 -4.33 8.79 10.74
C LEU A 53 -2.91 9.14 10.32
N ARG A 54 -1.95 8.82 11.18
CA ARG A 54 -0.53 9.10 10.89
C ARG A 54 -0.04 8.35 9.65
N ARG A 55 -0.30 7.05 9.59
CA ARG A 55 0.09 6.23 8.44
C ARG A 55 -0.50 6.73 7.13
N GLU A 56 -1.75 7.17 7.18
CA GLU A 56 -2.50 7.59 6.00
C GLU A 56 -2.39 9.06 5.64
N GLY A 57 -1.64 9.83 6.44
CA GLY A 57 -1.47 11.27 6.21
C GLY A 57 -2.75 12.07 6.36
N LEU A 58 -3.68 11.58 7.17
CA LEU A 58 -4.98 12.19 7.32
C LEU A 58 -4.92 13.27 8.40
N GLY A 59 -5.68 14.35 8.18
CA GLY A 59 -5.73 15.41 9.16
C GLY A 59 -6.49 15.01 10.39
N GLN A 60 -6.28 15.74 11.47
CA GLN A 60 -7.03 15.53 12.70
C GLN A 60 -8.53 15.72 12.51
N ASP A 61 -8.94 16.50 11.50
CA ASP A 61 -10.36 16.64 11.17
C ASP A 61 -11.01 15.30 10.71
N GLN A 62 -10.20 14.29 10.38
CA GLN A 62 -10.69 12.93 10.10
C GLN A 62 -10.64 11.95 11.28
N ALA A 63 -10.23 12.42 12.46
CA ALA A 63 -10.15 11.57 13.66
C ALA A 63 -11.50 10.95 14.01
N GLU A 64 -12.55 11.77 14.00
CA GLU A 64 -13.84 11.31 14.46
C GLU A 64 -14.41 10.13 13.63
N PRO A 65 -14.40 10.23 12.28
CA PRO A 65 -14.90 9.09 11.51
C PRO A 65 -14.03 7.83 11.63
N VAL A 66 -12.71 7.98 11.67
CA VAL A 66 -11.84 6.81 11.82
C VAL A 66 -12.10 6.15 13.16
N LEU A 67 -12.15 6.94 14.23
CA LEU A 67 -12.42 6.38 15.55
C LEU A 67 -13.79 5.69 15.61
N GLU A 68 -14.81 6.31 14.99
CA GLU A 68 -16.14 5.71 14.99
C GLU A 68 -16.15 4.30 14.36
N VAL A 69 -15.45 4.14 13.26
CA VAL A 69 -15.35 2.84 12.61
C VAL A 69 -14.72 1.81 13.57
N TYR A 70 -13.60 2.16 14.17
CA TYR A 70 -12.95 1.22 15.08
C TYR A 70 -13.83 0.88 16.29
N GLN A 71 -14.46 1.91 16.86
CA GLN A 71 -15.33 1.72 18.01
C GLN A 71 -16.50 0.79 17.68
N ARG A 72 -17.13 1.04 16.54
CA ARG A 72 -18.34 0.33 16.16
C ARG A 72 -18.09 -1.04 15.58
N LEU A 73 -16.93 -1.26 14.96
CA LEU A 73 -16.49 -2.62 14.70
C LEU A 73 -16.23 -3.37 16.01
N HIS A 74 -15.60 -2.71 16.97
CA HIS A 74 -15.26 -3.34 18.26
C HIS A 74 -16.52 -3.81 19.00
N SER A 75 -17.57 -3.01 18.94
CA SER A 75 -18.83 -3.31 19.63
C SER A 75 -19.84 -4.04 18.77
N ASP A 76 -19.47 -4.43 17.54
CA ASP A 76 -20.45 -4.93 16.59
C ASP A 76 -21.02 -6.27 17.08
N LYS A 77 -22.31 -6.46 16.85
CA LYS A 77 -22.98 -7.71 17.17
C LYS A 77 -23.79 -8.09 15.97
N GLY A 78 -23.64 -9.35 15.55
CA GLY A 78 -24.31 -9.84 14.37
C GLY A 78 -23.85 -9.21 13.08
N GLY A 79 -22.68 -8.58 13.07
CA GLY A 79 -22.13 -7.98 11.85
C GLY A 79 -22.92 -6.84 11.23
N SER A 80 -23.76 -6.19 12.02
CA SER A 80 -24.64 -5.13 11.54
CA SER A 80 -24.63 -5.12 11.54
C SER A 80 -23.88 -3.88 11.05
N PHE A 81 -22.97 -3.37 11.89
CA PHE A 81 -22.11 -2.22 11.51
C PHE A 81 -21.20 -2.55 10.35
N GLU A 82 -20.57 -3.71 10.42
CA GLU A 82 -19.73 -4.20 9.34
C GLU A 82 -20.49 -4.24 8.02
N ALA A 83 -21.71 -4.78 8.04
CA ALA A 83 -22.55 -4.83 6.84
C ALA A 83 -22.90 -3.43 6.32
N ALA A 84 -23.14 -2.50 7.22
CA ALA A 84 -23.39 -1.09 6.86
C ALA A 84 -22.21 -0.44 6.17
N LEU A 85 -21.01 -0.70 6.68
CA LEU A 85 -19.78 -0.20 6.05
C LEU A 85 -19.68 -0.66 4.61
N TRP A 86 -19.86 -1.95 4.41
CA TRP A 86 -19.79 -2.56 3.09
C TRP A 86 -20.81 -1.95 2.10
N GLN A 87 -22.02 -1.75 2.59
CA GLN A 87 -23.12 -1.18 1.80
C GLN A 87 -22.91 0.30 1.46
N GLN A 88 -22.44 1.08 2.44
CA GLN A 88 -22.52 2.53 2.36
C GLN A 88 -21.24 3.21 1.94
N TRP A 89 -20.11 2.54 2.08
CA TRP A 89 -18.83 3.10 1.66
C TRP A 89 -18.54 2.68 0.24
N ASP A 90 -17.81 3.52 -0.46
CA ASP A 90 -17.28 3.20 -1.77
C ASP A 90 -16.09 2.25 -1.66
N ARG A 91 -15.84 1.55 -2.74
CA ARG A 91 -14.76 0.55 -2.81
C ARG A 91 -13.39 1.14 -2.48
N GLN A 92 -13.08 2.30 -3.02
CA GLN A 92 -11.76 2.90 -2.74
C GLN A 92 -11.56 3.16 -1.23
N SER A 93 -12.59 3.67 -0.57
CA SER A 93 -12.54 3.92 0.88
C SER A 93 -12.33 2.63 1.67
N LEU A 94 -13.04 1.57 1.29
CA LEU A 94 -12.88 0.25 1.93
C LEU A 94 -11.45 -0.29 1.75
N ILE A 95 -10.93 -0.19 0.53
CA ILE A 95 -9.56 -0.63 0.25
C ILE A 95 -8.55 0.11 1.12
N MET A 96 -8.67 1.44 1.15
CA MET A 96 -7.69 2.28 1.87
CA MET A 96 -7.68 2.25 1.86
C MET A 96 -7.71 1.94 3.36
N PHE A 97 -8.93 1.77 3.89
CA PHE A 97 -9.09 1.53 5.31
C PHE A 97 -8.56 0.15 5.68
N ILE A 98 -8.92 -0.86 4.88
CA ILE A 98 -8.48 -2.23 5.12
C ILE A 98 -6.95 -2.38 5.06
N THR A 99 -6.32 -1.81 4.03
N THR A 99 -6.31 -1.81 4.03
CA THR A 99 -4.87 -1.93 3.92
CA THR A 99 -4.86 -1.93 3.92
C THR A 99 -4.18 -1.24 5.09
C THR A 99 -4.18 -1.23 5.09
N ALA A 100 -4.68 -0.06 5.44
CA ALA A 100 -4.14 0.70 6.58
C ALA A 100 -4.20 -0.14 7.85
N PHE A 101 -5.38 -0.66 8.14
CA PHE A 101 -5.58 -1.41 9.37
C PHE A 101 -4.72 -2.69 9.44
N LEU A 102 -4.69 -3.44 8.34
CA LEU A 102 -3.90 -4.68 8.33
C LEU A 102 -2.42 -4.40 8.54
N ASN A 103 -1.94 -3.27 8.07
CA ASN A 103 -0.53 -2.89 8.27
C ASN A 103 -0.18 -2.32 9.64
N ILE A 104 -1.17 -1.84 10.39
CA ILE A 104 -0.89 -1.36 11.74
C ILE A 104 -1.24 -2.36 12.84
N ALA A 105 -2.18 -3.27 12.52
CA ALA A 105 -2.82 -4.11 13.56
C ALA A 105 -1.83 -5.00 14.33
N LEU A 106 -0.88 -5.58 13.63
CA LEU A 106 0.05 -6.49 14.27
C LEU A 106 1.22 -5.79 14.96
N GLN A 107 1.44 -4.52 14.64
CA GLN A 107 2.53 -3.72 15.21
C GLN A 107 2.18 -3.00 16.52
N LEU A 108 0.89 -2.84 16.82
CA LEU A 108 0.45 -2.04 17.97
C LEU A 108 0.15 -2.90 19.20
N PRO A 109 0.46 -2.40 20.42
CA PRO A 109 0.01 -3.13 21.62
C PRO A 109 -1.52 -3.27 21.65
N CYS A 110 -2.01 -4.47 21.94
CA CYS A 110 -3.45 -4.70 21.88
C CYS A 110 -4.19 -4.51 23.23
N GLU A 111 -3.48 -4.32 24.35
CA GLU A 111 -4.12 -4.01 25.67
C GLU A 111 -3.58 -2.72 26.24
N THR B 1 -32.99 1.35 14.18
CA THR B 1 -33.18 0.10 13.36
C THR B 1 -32.27 0.07 12.13
N PRO B 2 -32.27 1.14 11.30
CA PRO B 2 -31.19 1.22 10.31
C PRO B 2 -29.85 1.52 10.97
N THR B 3 -28.79 0.94 10.43
CA THR B 3 -27.43 1.16 10.88
C THR B 3 -26.74 2.03 9.82
N VAL B 4 -26.15 3.15 10.27
CA VAL B 4 -25.49 4.08 9.39
C VAL B 4 -23.98 4.19 9.74
N ALA B 5 -23.13 3.96 8.76
CA ALA B 5 -21.70 4.18 8.92
C ALA B 5 -21.36 5.67 8.91
N PRO B 6 -20.22 6.04 9.56
CA PRO B 6 -19.81 7.44 9.45
C PRO B 6 -19.33 7.69 8.03
N PRO B 7 -19.20 8.97 7.66
CA PRO B 7 -18.64 9.27 6.35
C PRO B 7 -17.21 8.76 6.30
N ALA B 8 -16.81 8.25 5.14
CA ALA B 8 -15.49 7.73 4.99
C ALA B 8 -14.45 8.86 5.17
N PRO B 9 -13.22 8.50 5.60
CA PRO B 9 -12.15 9.49 5.70
C PRO B 9 -11.86 10.19 4.35
N VAL B 10 -11.63 11.48 4.41
CA VAL B 10 -11.33 12.29 3.23
C VAL B 10 -9.82 12.44 3.17
N TYR B 11 -9.24 11.92 2.10
CA TYR B 11 -7.82 12.08 1.79
C TYR B 11 -7.66 13.34 0.93
N ARG B 12 -6.79 14.25 1.32
CA ARG B 12 -6.59 15.51 0.60
C ARG B 12 -5.57 15.33 -0.54
N ILE C 1 14.90 18.22 -3.54
CA ILE C 1 14.49 16.97 -2.84
C ILE C 1 15.34 16.60 -1.62
N THR C 2 14.79 16.82 -0.43
CA THR C 2 15.38 16.37 0.83
C THR C 2 14.86 14.97 1.16
N LEU C 3 15.51 14.32 2.11
CA LEU C 3 15.07 13.00 2.53
C LEU C 3 13.63 13.05 3.03
N LEU C 4 13.31 14.09 3.78
CA LEU C 4 11.97 14.24 4.33
C LEU C 4 10.91 14.40 3.21
N THR C 5 11.21 15.25 2.23
CA THR C 5 10.26 15.47 1.13
C THR C 5 10.10 14.22 0.28
N LEU C 6 11.20 13.50 0.06
N LEU C 6 11.21 13.52 0.04
CA LEU C 6 11.17 12.25 -0.68
CA LEU C 6 11.19 12.25 -0.69
C LEU C 6 10.24 11.23 -0.05
C LEU C 6 10.24 11.24 -0.06
N ILE C 7 10.37 11.04 1.25
CA ILE C 7 9.54 10.05 1.97
C ILE C 7 8.09 10.46 2.01
N LYS C 8 7.82 11.75 2.30
CA LYS C 8 6.44 12.24 2.33
C LYS C 8 5.77 12.14 0.96
N THR C 9 6.52 12.46 -0.09
CA THR C 9 6.01 12.36 -1.46
C THR C 9 5.72 10.89 -1.82
N ALA C 10 6.63 9.99 -1.48
CA ALA C 10 6.42 8.55 -1.72
C ALA C 10 5.20 8.04 -0.97
N GLU C 11 5.05 8.42 0.30
CA GLU C 11 3.86 8.04 1.08
C GLU C 11 2.57 8.52 0.43
N HIS C 12 2.57 9.77 -0.02
CA HIS C 12 1.39 10.36 -0.64
C HIS C 12 0.97 9.60 -1.88
N TRP C 13 1.93 9.34 -2.76
CA TRP C 13 1.62 8.67 -4.03
C TRP C 13 1.47 7.14 -3.93
N ALA C 14 2.07 6.50 -2.94
CA ALA C 14 1.99 5.02 -2.75
C ALA C 14 0.58 4.58 -2.48
N ARG C 15 -0.06 5.26 -1.52
CA ARG C 15 -1.41 4.87 -1.11
C ARG C 15 -2.48 5.24 -2.14
N GLN C 16 -2.09 5.88 -3.25
CA GLN C 16 -3.05 6.24 -4.29
C GLN C 16 -3.17 5.18 -5.39
N ASP C 17 -4.35 5.16 -5.98
CA ASP C 17 -4.56 4.57 -7.30
C ASP C 17 -4.05 5.58 -8.34
N ILE C 18 -2.97 5.26 -9.05
CA ILE C 18 -2.37 6.19 -10.03
C ILE C 18 -2.64 5.78 -11.47
N ARG C 19 -3.54 4.80 -11.64
N ARG C 19 -3.54 4.81 -11.64
CA ARG C 19 -3.96 4.32 -12.96
CA ARG C 19 -3.97 4.32 -12.93
C ARG C 19 -4.43 5.45 -13.88
C ARG C 19 -4.43 5.43 -13.87
N THR C 20 -5.04 6.49 -13.31
CA THR C 20 -5.53 7.66 -14.10
C THR C 20 -4.73 8.95 -13.99
N ILE C 21 -3.52 8.95 -13.41
CA ILE C 21 -2.83 10.26 -13.29
C ILE C 21 -2.26 10.72 -14.63
N GLU C 22 -2.00 12.02 -14.68
CA GLU C 22 -1.45 12.70 -15.83
C GLU C 22 0.00 12.29 -16.09
N ASP C 23 0.39 12.18 -17.36
CA ASP C 23 1.76 11.85 -17.79
C ASP C 23 2.87 12.68 -17.14
N SER C 24 2.68 13.99 -17.05
CA SER C 24 3.67 14.88 -16.41
C SER C 24 3.96 14.45 -14.98
N LYS C 25 2.91 14.07 -14.25
CA LYS C 25 3.06 13.59 -12.88
C LYS C 25 3.67 12.19 -12.88
N LEU C 26 3.26 11.33 -13.80
CA LEU C 26 3.84 10.00 -13.92
C LEU C 26 5.35 10.06 -14.18
N ARG C 27 5.78 10.99 -15.03
CA ARG C 27 7.19 11.21 -15.32
C ARG C 27 7.97 11.62 -14.07
N ALA C 28 7.36 12.50 -13.27
CA ALA C 28 7.97 12.95 -12.04
C ALA C 28 8.04 11.79 -11.03
N LEU C 29 7.01 10.92 -11.02
CA LEU C 29 7.04 9.75 -10.16
C LEU C 29 8.14 8.78 -10.57
N LEU C 30 8.42 8.66 -11.84
CA LEU C 30 9.54 7.82 -12.26
C LEU C 30 10.85 8.37 -11.70
N THR C 31 11.05 9.68 -11.78
CA THR C 31 12.22 10.34 -11.17
C THR C 31 12.28 10.07 -9.67
N LEU C 32 11.15 10.19 -8.99
CA LEU C 32 11.05 9.89 -7.58
C LEU C 32 11.50 8.46 -7.29
N CYS C 33 11.03 7.49 -8.07
CA CYS C 33 11.44 6.11 -7.89
C CYS C 33 12.95 5.95 -8.12
N ALA C 34 13.49 6.63 -9.12
CA ALA C 34 14.94 6.53 -9.39
C ALA C 34 15.76 7.06 -8.21
N VAL C 35 15.37 8.23 -7.71
CA VAL C 35 16.04 8.83 -6.55
C VAL C 35 15.94 7.89 -5.34
N MET C 36 14.76 7.33 -5.10
CA MET C 36 14.54 6.45 -3.97
CA MET C 36 14.52 6.45 -3.98
C MET C 36 15.29 5.12 -4.08
N THR C 37 15.42 4.58 -5.29
N THR C 37 15.42 4.55 -5.28
CA THR C 37 16.22 3.38 -5.50
CA THR C 37 16.26 3.34 -5.43
C THR C 37 17.68 3.61 -5.05
C THR C 37 17.71 3.60 -5.01
N ARG C 38 18.19 4.82 -5.26
CA ARG C 38 19.55 5.17 -4.86
C ARG C 38 19.72 5.38 -3.34
N LYS C 39 18.61 5.36 -2.58
CA LYS C 39 18.66 5.29 -1.13
C LYS C 39 18.79 3.87 -0.57
N PHE C 40 18.86 2.87 -1.46
CA PHE C 40 19.11 1.48 -1.07
C PHE C 40 20.56 1.16 -1.39
N SER C 41 21.22 0.42 -0.51
CA SER C 41 22.53 -0.10 -0.84
C SER C 41 22.39 -1.20 -1.89
N LYS C 42 23.45 -1.41 -2.68
CA LYS C 42 23.50 -2.52 -3.65
C LYS C 42 23.14 -3.85 -3.04
N SER C 43 23.51 -4.05 -1.78
CA SER C 43 23.22 -5.30 -1.08
C SER C 43 21.72 -5.62 -0.96
N GLN C 44 20.86 -4.59 -1.06
CA GLN C 44 19.43 -4.76 -0.90
C GLN C 44 18.69 -4.91 -2.23
N LEU C 45 19.37 -4.80 -3.36
CA LEU C 45 18.70 -4.86 -4.67
C LEU C 45 17.95 -6.17 -4.92
N SER C 46 18.58 -7.28 -4.58
CA SER C 46 17.96 -8.60 -4.77
C SER C 46 16.68 -8.70 -3.92
N LEU C 47 16.73 -8.17 -2.69
CA LEU C 47 15.55 -8.15 -1.83
C LEU C 47 14.44 -7.26 -2.39
N LEU C 48 14.81 -6.10 -2.90
CA LEU C 48 13.88 -5.20 -3.53
C LEU C 48 13.17 -5.91 -4.69
N CYS C 49 13.96 -6.55 -5.55
CA CYS C 49 13.40 -7.31 -6.66
C CYS C 49 12.47 -8.45 -6.20
N GLU C 50 12.93 -9.24 -5.24
CA GLU C 50 12.12 -10.35 -4.71
C GLU C 50 10.79 -9.86 -4.16
N THR C 51 10.82 -8.76 -3.40
CA THR C 51 9.61 -8.20 -2.79
C THR C 51 8.64 -7.69 -3.86
N HIS C 52 9.21 -7.04 -4.88
CA HIS C 52 8.45 -6.62 -6.05
C HIS C 52 7.75 -7.81 -6.75
N LEU C 53 8.52 -8.87 -7.03
CA LEU C 53 7.95 -10.04 -7.71
C LEU C 53 6.83 -10.65 -6.89
N ARG C 54 7.04 -10.79 -5.58
CA ARG C 54 5.99 -11.34 -4.68
C ARG C 54 4.72 -10.51 -4.67
N ARG C 55 4.85 -9.20 -4.48
CA ARG C 55 3.71 -8.29 -4.49
C ARG C 55 2.91 -8.36 -5.79
N GLU C 56 3.62 -8.46 -6.91
CA GLU C 56 3.02 -8.39 -8.23
C GLU C 56 2.62 -9.75 -8.82
N GLY C 57 2.88 -10.84 -8.08
CA GLY C 57 2.56 -12.19 -8.56
C GLY C 57 3.37 -12.62 -9.77
N LEU C 58 4.57 -12.07 -9.91
CA LEU C 58 5.40 -12.33 -11.08
C LEU C 58 6.24 -13.58 -10.82
N GLY C 59 6.49 -14.35 -11.87
CA GLY C 59 7.32 -15.53 -11.77
C GLY C 59 8.78 -15.17 -11.56
N GLN C 60 9.54 -16.12 -11.03
CA GLN C 60 10.99 -15.97 -10.90
C GLN C 60 11.66 -15.75 -12.25
N ASP C 61 11.05 -16.20 -13.35
CA ASP C 61 11.59 -15.93 -14.69
C ASP C 61 11.60 -14.42 -15.05
N GLN C 62 10.88 -13.60 -14.29
CA GLN C 62 10.92 -12.14 -14.41
C GLN C 62 11.92 -11.44 -13.46
N ALA C 63 12.67 -12.20 -12.66
CA ALA C 63 13.68 -11.64 -11.74
C ALA C 63 14.73 -10.84 -12.48
N GLU C 64 15.28 -11.38 -13.55
CA GLU C 64 16.38 -10.71 -14.23
C GLU C 64 15.99 -9.31 -14.78
N PRO C 65 14.86 -9.19 -15.52
CA PRO C 65 14.51 -7.86 -16.01
C PRO C 65 14.11 -6.87 -14.92
N VAL C 66 13.43 -7.33 -13.88
CA VAL C 66 13.03 -6.42 -12.79
C VAL C 66 14.30 -5.96 -12.06
N LEU C 67 15.19 -6.89 -11.76
CA LEU C 67 16.45 -6.53 -11.10
C LEU C 67 17.27 -5.57 -11.98
N GLU C 68 17.32 -5.79 -13.29
CA GLU C 68 18.04 -4.88 -14.18
C GLU C 68 17.55 -3.43 -14.09
N VAL C 69 16.25 -3.24 -14.01
CA VAL C 69 15.69 -1.91 -13.83
C VAL C 69 16.23 -1.28 -12.52
N TYR C 70 16.12 -2.01 -11.42
CA TYR C 70 16.56 -1.47 -10.13
C TYR C 70 18.08 -1.20 -10.13
N GLN C 71 18.85 -2.12 -10.68
CA GLN C 71 20.31 -1.96 -10.74
C GLN C 71 20.72 -0.76 -11.57
N ARG C 72 20.06 -0.60 -12.72
CA ARG C 72 20.42 0.48 -13.65
C ARG C 72 19.87 1.84 -13.26
N LEU C 73 18.75 1.87 -12.55
CA LEU C 73 18.37 3.10 -11.84
C LEU C 73 19.38 3.44 -10.74
N HIS C 74 19.85 2.44 -10.00
CA HIS C 74 20.77 2.65 -8.89
C HIS C 74 22.11 3.26 -9.38
N SER C 75 22.57 2.81 -10.53
CA SER C 75 23.83 3.28 -11.11
C SER C 75 23.66 4.43 -12.10
N ASP C 76 22.45 4.96 -12.27
CA ASP C 76 22.16 5.90 -13.33
C ASP C 76 22.95 7.21 -13.10
N LYS C 77 23.41 7.79 -14.19
CA LYS C 77 24.08 9.10 -14.14
C LYS C 77 23.47 9.96 -15.24
N GLY C 78 23.08 11.16 -14.86
CA GLY C 78 22.43 12.07 -15.79
C GLY C 78 21.08 11.60 -16.28
N GLY C 79 20.43 10.68 -15.56
CA GLY C 79 19.09 10.21 -15.93
C GLY C 79 18.94 9.51 -17.27
N SER C 80 20.03 8.95 -17.78
CA SER C 80 20.04 8.30 -19.09
C SER C 80 19.18 7.03 -19.14
N PHE C 81 19.41 6.11 -18.18
CA PHE C 81 18.61 4.89 -18.08
C PHE C 81 17.13 5.19 -17.79
N GLU C 82 16.92 6.09 -16.84
CA GLU C 82 15.59 6.57 -16.49
C GLU C 82 14.83 7.07 -17.73
N ALA C 83 15.50 7.89 -18.54
CA ALA C 83 14.88 8.42 -19.77
C ALA C 83 14.53 7.30 -20.76
N ALA C 84 15.42 6.30 -20.87
CA ALA C 84 15.16 5.13 -21.71
C ALA C 84 13.92 4.32 -21.28
N LEU C 85 13.79 4.12 -19.96
CA LEU C 85 12.62 3.44 -19.42
C LEU C 85 11.32 4.14 -19.80
N TRP C 86 11.30 5.46 -19.61
CA TRP C 86 10.14 6.28 -19.91
C TRP C 86 9.71 6.16 -21.38
N GLN C 87 10.71 6.17 -22.26
CA GLN C 87 10.48 6.09 -23.69
C GLN C 87 10.05 4.71 -24.17
N GLN C 88 10.64 3.66 -23.61
CA GLN C 88 10.51 2.32 -24.17
C GLN C 88 9.42 1.48 -23.56
N TRP C 89 9.01 1.81 -22.31
CA TRP C 89 7.97 1.05 -21.66
C TRP C 89 6.63 1.68 -21.96
N ASP C 90 5.58 0.85 -21.98
CA ASP C 90 4.21 1.32 -22.08
C ASP C 90 3.75 1.86 -20.73
N ARG C 91 2.71 2.70 -20.78
CA ARG C 91 2.16 3.36 -19.61
C ARG C 91 1.75 2.37 -18.53
N GLN C 92 1.04 1.31 -18.93
CA GLN C 92 0.57 0.35 -17.94
C GLN C 92 1.74 -0.28 -17.16
N SER C 93 2.79 -0.66 -17.87
N SER C 93 2.80 -0.64 -17.86
CA SER C 93 4.00 -1.24 -17.26
CA SER C 93 3.95 -1.27 -17.23
C SER C 93 4.67 -0.28 -16.28
C SER C 93 4.67 -0.29 -16.29
N LEU C 94 4.80 0.97 -16.68
CA LEU C 94 5.36 2.02 -15.79
C LEU C 94 4.53 2.22 -14.55
N ILE C 95 3.21 2.27 -14.70
CA ILE C 95 2.32 2.44 -13.57
C ILE C 95 2.45 1.27 -12.63
N MET C 96 2.44 0.04 -13.14
CA MET C 96 2.48 -1.13 -12.27
C MET C 96 3.81 -1.18 -11.53
N PHE C 97 4.88 -0.82 -12.20
CA PHE C 97 6.22 -0.87 -11.60
C PHE C 97 6.36 0.24 -10.53
N ILE C 98 5.91 1.44 -10.86
CA ILE C 98 5.96 2.59 -9.90
C ILE C 98 5.11 2.32 -8.67
N THR C 99 3.89 1.84 -8.82
CA THR C 99 3.02 1.58 -7.67
C THR C 99 3.63 0.51 -6.81
N ALA C 100 4.14 -0.56 -7.45
CA ALA C 100 4.77 -1.66 -6.71
C ALA C 100 5.92 -1.11 -5.89
N PHE C 101 6.81 -0.38 -6.54
CA PHE C 101 8.01 0.14 -5.87
C PHE C 101 7.68 1.08 -4.73
N LEU C 102 6.77 2.04 -4.95
CA LEU C 102 6.42 2.99 -3.90
C LEU C 102 5.84 2.29 -2.67
N ASN C 103 5.12 1.20 -2.90
CA ASN C 103 4.54 0.45 -1.79
C ASN C 103 5.47 -0.50 -1.07
N ILE C 104 6.58 -0.87 -1.69
CA ILE C 104 7.56 -1.71 -1.01
C ILE C 104 8.74 -0.92 -0.46
N ALA C 105 9.03 0.23 -1.06
CA ALA C 105 10.24 1.00 -0.77
C ALA C 105 10.35 1.44 0.69
N LEU C 106 9.25 1.89 1.26
CA LEU C 106 9.28 2.38 2.64
C LEU C 106 9.19 1.28 3.69
N GLN C 107 8.78 0.08 3.29
CA GLN C 107 8.67 -1.08 4.19
C GLN C 107 9.95 -1.91 4.32
N LEU C 108 10.89 -1.78 3.39
CA LEU C 108 12.08 -2.66 3.32
C LEU C 108 13.30 -2.02 3.97
N PRO C 109 14.15 -2.84 4.63
CA PRO C 109 15.43 -2.28 5.10
C PRO C 109 16.28 -1.73 3.93
N CYS C 110 16.84 -0.52 4.08
CA CYS C 110 17.58 0.09 2.98
C CYS C 110 19.07 -0.19 2.99
N GLU C 111 19.55 -0.76 4.09
CA GLU C 111 20.91 -1.25 4.22
C GLU C 111 20.86 -2.63 4.89
N SER C 112 21.92 -3.42 4.69
CA SER C 112 22.01 -4.79 5.25
C SER C 112 21.91 -4.82 6.77
N PRO D 2 22.90 3.29 -28.52
CA PRO D 2 21.92 3.93 -27.64
C PRO D 2 21.86 3.27 -26.25
N THR D 3 20.97 3.78 -25.39
CA THR D 3 20.63 3.14 -24.12
C THR D 3 19.37 2.32 -24.34
N VAL D 4 19.45 1.04 -23.98
CA VAL D 4 18.39 0.09 -24.25
C VAL D 4 17.87 -0.48 -22.91
N ALA D 5 16.59 -0.26 -22.63
CA ALA D 5 15.98 -0.72 -21.38
C ALA D 5 15.63 -2.20 -21.49
N PRO D 6 15.65 -2.92 -20.36
CA PRO D 6 15.15 -4.28 -20.41
C PRO D 6 13.64 -4.35 -20.74
N PRO D 7 13.13 -5.54 -21.09
CA PRO D 7 11.68 -5.64 -21.25
C PRO D 7 10.96 -5.46 -19.93
N ALA D 8 9.71 -5.02 -20.03
CA ALA D 8 8.87 -4.89 -18.86
C ALA D 8 8.50 -6.27 -18.38
N PRO D 9 8.27 -6.42 -17.07
CA PRO D 9 7.87 -7.73 -16.57
C PRO D 9 6.54 -8.19 -17.15
N VAL D 10 6.46 -9.48 -17.45
CA VAL D 10 5.28 -10.11 -18.04
C VAL D 10 4.41 -10.69 -16.96
N TYR D 11 3.17 -10.19 -16.88
CA TYR D 11 2.18 -10.64 -15.89
C TYR D 11 1.34 -11.78 -16.47
N ARG D 12 1.33 -12.92 -15.76
CA ARG D 12 0.61 -14.13 -16.18
C ARG D 12 -0.33 -14.56 -15.09
#